data_2X1K
#
_entry.id   2X1K
#
_cell.length_a   99.899
_cell.length_b   38.969
_cell.length_c   59.792
_cell.angle_alpha   90.00
_cell.angle_beta   113.89
_cell.angle_gamma   90.00
#
_symmetry.space_group_name_H-M   'C 1 2 1'
#
loop_
_entity.id
_entity.type
_entity.pdbx_description
1 polymer 'NIMA-RELATED PROTEIN'
2 non-polymer 'ACETATE ION'
3 water water
#
_entity_poly.entity_id   1
_entity_poly.type   'polypeptide(L)'
_entity_poly.pdbx_seq_one_letter_code
;MSYYHHHHHHLESTSLYKKAGLSDFYDPRERDPSVSRRPQNRQSDEWIRELLLRGTIARVATLWQGEDGAAFPFITPLAY
AYRPEQGDLVYSTNVVGRLRANAGQGHPATLEVSEIGQFLPSNSPLELSVQYRSVMVFGTARVLAGEDARAALTTLSERV
FPGLKVGETTRPISEDDLKRTSVYSLSIDRWSGKENWAEQAIQEEDWPALGPEWLG
;
_entity_poly.pdbx_strand_id   A
#
# COMPACT_ATOMS: atom_id res chain seq x y z
N SER A 2 30.02 -29.37 37.73
CA SER A 2 29.58 -28.06 38.28
C SER A 2 28.36 -27.57 37.48
N TYR A 3 27.54 -26.78 38.16
CA TYR A 3 26.40 -26.12 37.54
C TYR A 3 26.87 -25.29 36.32
N TYR A 4 27.88 -24.46 36.57
CA TYR A 4 28.33 -23.58 35.50
C TYR A 4 28.64 -24.34 34.19
N HIS A 5 29.44 -25.38 34.30
CA HIS A 5 29.85 -26.15 33.13
C HIS A 5 28.66 -26.84 32.49
N HIS A 6 27.82 -27.43 33.35
CA HIS A 6 26.60 -28.12 32.92
C HIS A 6 25.65 -27.23 32.12
N HIS A 7 25.43 -26.05 32.65
CA HIS A 7 24.53 -25.08 32.02
C HIS A 7 25.14 -24.62 30.68
N HIS A 8 26.43 -24.37 30.70
CA HIS A 8 27.14 -23.96 29.49
C HIS A 8 26.95 -25.01 28.41
N HIS A 9 26.98 -26.27 28.83
CA HIS A 9 26.94 -27.38 27.89
C HIS A 9 25.55 -27.42 27.29
N HIS A 10 24.55 -27.20 28.12
CA HIS A 10 23.13 -27.25 27.70
C HIS A 10 22.75 -26.08 26.80
N LEU A 11 23.40 -24.94 27.01
CA LEU A 11 23.19 -23.76 26.15
C LEU A 11 23.80 -24.14 24.79
N GLU A 12 25.01 -24.62 24.92
CA GLU A 12 25.63 -25.62 24.04
C GLU A 12 26.69 -25.13 23.09
N LEU A 22 21.84 -29.14 11.68
CA LEU A 22 21.00 -27.93 11.77
C LEU A 22 21.15 -27.04 10.53
N SER A 23 20.33 -27.24 9.49
CA SER A 23 19.99 -26.10 8.62
C SER A 23 19.40 -26.30 7.24
N ASP A 24 18.11 -26.56 7.32
CA ASP A 24 17.19 -26.45 6.22
C ASP A 24 17.65 -25.41 5.23
N PHE A 25 18.40 -24.42 5.72
CA PHE A 25 18.61 -23.27 4.89
C PHE A 25 19.39 -23.76 3.71
N TYR A 26 20.25 -24.74 3.93
CA TYR A 26 21.25 -25.13 2.92
C TYR A 26 20.92 -26.45 2.24
N ASP A 27 19.89 -27.10 2.75
CA ASP A 27 19.47 -28.43 2.27
C ASP A 27 18.53 -28.37 1.04
N PRO A 28 18.30 -29.50 0.41
CA PRO A 28 17.49 -29.54 -0.82
C PRO A 28 16.14 -28.88 -0.69
N ARG A 29 15.81 -28.17 -1.75
CA ARG A 29 14.47 -27.58 -1.87
C ARG A 29 14.10 -27.50 -3.34
N GLU A 30 12.83 -27.24 -3.63
CA GLU A 30 12.42 -27.01 -5.02
C GLU A 30 12.37 -25.52 -5.28
N ARG A 31 12.80 -25.11 -6.45
CA ARG A 31 12.77 -23.71 -6.87
C ARG A 31 12.16 -23.60 -8.28
N ASP A 32 11.16 -22.73 -8.41
CA ASP A 32 10.60 -22.34 -9.72
C ASP A 32 11.49 -21.26 -10.29
N PRO A 33 12.15 -21.49 -11.42
CA PRO A 33 13.19 -20.52 -11.84
C PRO A 33 12.58 -19.19 -12.29
N SER A 34 11.26 -19.17 -12.39
CA SER A 34 10.53 -17.99 -12.93
C SER A 34 10.19 -17.04 -11.82
N VAL A 35 10.44 -17.50 -10.61
CA VAL A 35 10.07 -16.70 -9.40
C VAL A 35 11.11 -15.63 -9.11
N SER A 36 10.61 -14.44 -8.73
CA SER A 36 11.43 -13.26 -8.39
C SER A 36 12.53 -13.67 -7.42
N ARG A 37 13.74 -13.23 -7.74
CA ARG A 37 14.92 -13.42 -6.87
C ARG A 37 15.24 -12.18 -6.05
N ARG A 38 14.39 -11.17 -6.13
CA ARG A 38 14.64 -9.93 -5.42
C ARG A 38 14.53 -10.12 -3.91
N PRO A 39 15.45 -9.52 -3.14
CA PRO A 39 15.36 -9.68 -1.69
C PRO A 39 14.21 -8.93 -1.04
N GLN A 40 13.94 -9.31 0.21
CA GLN A 40 13.09 -8.53 1.12
C GLN A 40 11.69 -8.34 0.56
N ASN A 41 11.26 -9.34 -0.20
CA ASN A 41 9.88 -9.47 -0.69
C ASN A 41 9.58 -8.47 -1.81
N ARG A 42 10.63 -7.78 -2.26
CA ARG A 42 10.47 -6.75 -3.32
C ARG A 42 10.03 -7.25 -4.70
N GLN A 43 9.26 -6.38 -5.37
CA GLN A 43 8.65 -6.71 -6.66
C GLN A 43 9.08 -5.74 -7.73
N SER A 44 8.78 -6.13 -8.95
CA SER A 44 9.14 -5.36 -10.17
C SER A 44 8.27 -4.15 -10.40
N ASP A 45 8.76 -3.30 -11.31
CA ASP A 45 8.04 -2.04 -11.57
C ASP A 45 6.74 -2.34 -12.32
N GLU A 46 6.78 -3.38 -13.13
CA GLU A 46 5.57 -3.79 -13.87
C GLU A 46 4.48 -4.35 -12.93
N TRP A 47 4.92 -5.11 -11.96
CA TRP A 47 4.00 -5.67 -10.95
C TRP A 47 3.32 -4.57 -10.16
N ILE A 48 4.09 -3.51 -9.95
CA ILE A 48 3.61 -2.38 -9.13
C ILE A 48 2.55 -1.65 -9.91
N ARG A 49 2.88 -1.37 -11.17
CA ARG A 49 1.90 -0.75 -12.09
C ARG A 49 0.57 -1.52 -12.09
N GLU A 50 0.65 -2.85 -12.22
CA GLU A 50 -0.57 -3.66 -12.30
C GLU A 50 -1.39 -3.62 -11.00
N LEU A 51 -0.69 -3.63 -9.89
CA LEU A 51 -1.37 -3.59 -8.59
C LEU A 51 -2.12 -2.27 -8.47
N LEU A 52 -1.47 -1.19 -8.89
CA LEU A 52 -2.06 0.17 -8.79
C LEU A 52 -3.24 0.33 -9.73
N LEU A 53 -3.14 -0.31 -10.89
CA LEU A 53 -4.23 -0.26 -11.85
C LEU A 53 -5.45 -0.99 -11.41
N ARG A 54 -5.28 -2.04 -10.60
CA ARG A 54 -6.50 -2.81 -10.27
C ARG A 54 -7.09 -2.46 -8.89
N GLY A 55 -6.34 -1.70 -8.12
CA GLY A 55 -6.84 -1.22 -6.84
C GLY A 55 -7.76 0.00 -6.94
N THR A 56 -8.55 0.21 -5.89
CA THR A 56 -9.50 1.31 -5.84
C THR A 56 -9.44 2.13 -4.56
N ILE A 57 -8.88 1.52 -3.51
CA ILE A 57 -8.73 2.19 -2.22
C ILE A 57 -7.26 2.36 -1.91
N ALA A 58 -6.89 3.55 -1.45
CA ALA A 58 -5.51 3.79 -0.99
C ALA A 58 -5.52 4.47 0.39
N ARG A 59 -4.37 4.52 1.05
CA ARG A 59 -4.23 5.41 2.20
C ARG A 59 -3.16 6.43 1.83
N VAL A 60 -3.43 7.69 2.18
CA VAL A 60 -2.50 8.74 1.91
C VAL A 60 -2.03 9.34 3.21
N ALA A 61 -0.72 9.48 3.34
CA ALA A 61 -0.08 10.15 4.49
C ALA A 61 0.60 11.44 4.04
N THR A 62 0.23 12.51 4.74
CA THR A 62 0.82 13.84 4.53
C THR A 62 1.08 14.44 5.88
N LEU A 63 1.97 15.43 5.91
CA LEU A 63 2.43 16.01 7.17
C LEU A 63 1.81 17.34 7.53
N TRP A 64 1.43 17.43 8.78
CA TRP A 64 0.71 18.61 9.33
C TRP A 64 1.50 19.07 10.55
N GLN A 65 1.40 20.35 10.85
CA GLN A 65 2.14 20.88 11.99
C GLN A 65 1.30 20.66 13.24
N GLY A 66 1.92 20.14 14.26
CA GLY A 66 1.23 19.80 15.50
C GLY A 66 1.43 20.88 16.55
N GLU A 67 0.86 20.59 17.70
CA GLU A 67 0.72 21.56 18.78
C GLU A 67 2.11 21.97 19.21
N ASP A 68 3.02 21.01 19.10
CA ASP A 68 4.40 21.11 19.57
C ASP A 68 5.32 21.64 18.50
N GLY A 69 4.71 22.05 17.39
CA GLY A 69 5.46 22.60 16.25
C GLY A 69 6.05 21.51 15.37
N ALA A 70 5.97 20.28 15.82
CA ALA A 70 6.57 19.19 15.04
C ALA A 70 5.58 18.69 14.01
N ALA A 71 6.15 18.33 12.89
CA ALA A 71 5.36 17.69 11.79
C ALA A 71 4.92 16.33 12.26
N PHE A 72 3.68 15.99 11.93
CA PHE A 72 3.21 14.61 12.15
C PHE A 72 2.27 14.16 11.05
N PRO A 73 2.15 12.84 10.81
CA PRO A 73 1.38 12.41 9.65
C PRO A 73 -0.05 12.09 9.96
N PHE A 74 -0.91 12.46 9.02
CA PHE A 74 -2.23 11.91 8.98
C PHE A 74 -2.24 10.67 8.08
N ILE A 75 -3.24 9.82 8.25
CA ILE A 75 -3.46 8.69 7.31
C ILE A 75 -4.94 8.66 6.95
N THR A 76 -5.24 8.85 5.68
CA THR A 76 -6.64 8.86 5.28
C THR A 76 -6.89 7.84 4.21
N PRO A 77 -7.85 6.93 4.41
CA PRO A 77 -8.23 6.01 3.36
C PRO A 77 -9.19 6.70 2.42
N LEU A 78 -8.96 6.47 1.13
CA LEU A 78 -9.75 7.15 0.10
C LEU A 78 -9.72 6.40 -1.21
N ALA A 79 -10.71 6.69 -2.07
CA ALA A 79 -10.70 6.21 -3.45
C ALA A 79 -9.62 6.91 -4.23
N TYR A 80 -8.98 6.17 -5.11
CA TYR A 80 -7.94 6.78 -5.97
C TYR A 80 -8.00 6.20 -7.40
N ALA A 81 -7.27 6.84 -8.32
CA ALA A 81 -7.06 6.26 -9.64
C ALA A 81 -5.63 6.59 -10.10
N TYR A 82 -4.95 5.57 -10.57
CA TYR A 82 -3.61 5.68 -11.18
C TYR A 82 -3.78 6.08 -12.64
N ARG A 83 -3.11 7.17 -13.01
CA ARG A 83 -3.06 7.64 -14.41
C ARG A 83 -1.62 7.49 -14.94
N PRO A 84 -1.35 6.35 -15.59
CA PRO A 84 0.08 6.05 -15.84
C PRO A 84 0.74 6.97 -16.82
N GLU A 85 -0.01 7.43 -17.79
CA GLU A 85 0.61 8.36 -18.77
C GLU A 85 1.07 9.68 -18.16
N GLN A 86 0.19 10.24 -17.33
CA GLN A 86 0.43 11.50 -16.62
C GLN A 86 1.50 11.33 -15.54
N GLY A 87 1.67 10.09 -15.13
CA GLY A 87 2.61 9.80 -14.02
C GLY A 87 2.13 10.24 -12.66
N ASP A 88 0.83 10.11 -12.47
CA ASP A 88 0.25 10.49 -11.20
C ASP A 88 -0.87 9.59 -10.74
N LEU A 89 -1.26 9.86 -9.51
CA LEU A 89 -2.48 9.31 -8.92
C LEU A 89 -3.36 10.46 -8.53
N VAL A 90 -4.64 10.28 -8.75
CA VAL A 90 -5.64 11.25 -8.37
C VAL A 90 -6.55 10.75 -7.27
N TYR A 91 -6.96 11.68 -6.41
CA TYR A 91 -7.87 11.41 -5.30
C TYR A 91 -8.51 12.70 -4.82
N SER A 92 -9.58 12.56 -4.09
CA SER A 92 -10.36 13.71 -3.63
C SER A 92 -10.62 13.56 -2.13
N THR A 93 -10.34 14.60 -1.36
CA THR A 93 -10.65 14.57 0.08
C THR A 93 -10.62 15.99 0.60
N ASN A 94 -11.52 16.26 1.54
CA ASN A 94 -11.57 17.57 2.18
C ASN A 94 -10.99 17.51 3.61
N VAL A 95 -10.29 16.44 3.92
CA VAL A 95 -9.63 16.31 5.22
C VAL A 95 -8.38 17.17 5.26
N VAL A 96 -8.28 17.96 6.32
CA VAL A 96 -7.10 18.79 6.54
C VAL A 96 -6.78 18.85 8.03
N GLY A 97 -5.62 19.43 8.32
CA GLY A 97 -5.26 19.75 9.71
C GLY A 97 -5.32 21.26 9.81
N ARG A 98 -4.31 21.83 10.48
CA ARG A 98 -4.24 23.28 10.65
C ARG A 98 -3.38 23.83 9.52
N LEU A 99 -2.07 23.81 9.73
CA LEU A 99 -1.11 24.13 8.70
C LEU A 99 -0.33 22.89 8.25
N ARG A 100 -0.11 22.78 6.94
CA ARG A 100 0.76 21.70 6.44
C ARG A 100 2.15 21.99 6.86
N ALA A 101 2.91 20.94 7.11
CA ALA A 101 4.35 21.06 7.44
C ALA A 101 5.11 20.93 6.16
N ASN A 102 5.11 22.02 5.41
CA ASN A 102 5.51 22.05 4.02
C ASN A 102 5.74 23.47 3.53
N ALA A 103 6.84 23.62 2.80
CA ALA A 103 7.09 24.84 2.05
C ALA A 103 6.65 24.60 0.61
N GLY A 104 5.61 25.33 0.18
CA GLY A 104 5.10 25.18 -1.20
C GLY A 104 3.64 25.09 -1.53
N GLN A 105 3.43 25.15 -2.84
N GLN A 105 3.42 25.12 -2.83
CA GLN A 105 2.11 25.02 -3.49
CA GLN A 105 2.09 25.00 -3.42
C GLN A 105 1.72 23.56 -3.71
C GLN A 105 1.69 23.54 -3.48
N GLY A 106 2.69 22.67 -3.52
CA GLY A 106 2.45 21.23 -3.47
C GLY A 106 2.96 20.76 -2.12
N HIS A 107 2.72 19.50 -1.79
CA HIS A 107 3.20 18.94 -0.51
C HIS A 107 3.63 17.47 -0.77
N PRO A 108 4.70 17.04 -0.13
CA PRO A 108 5.06 15.61 -0.23
C PRO A 108 3.96 14.74 0.32
N ALA A 109 3.77 13.61 -0.35
CA ALA A 109 2.72 12.67 0.06
C ALA A 109 3.21 11.25 -0.19
N THR A 110 2.85 10.37 0.72
CA THR A 110 3.07 8.94 0.53
C THR A 110 1.71 8.29 0.35
N LEU A 111 1.58 7.43 -0.63
CA LEU A 111 0.34 6.73 -0.92
C LEU A 111 0.58 5.23 -0.89
N GLU A 112 -0.28 4.52 -0.19
CA GLU A 112 -0.18 3.07 -0.08
C GLU A 112 -1.42 2.36 -0.60
N VAL A 113 -1.19 1.32 -1.39
CA VAL A 113 -2.26 0.44 -1.87
C VAL A 113 -1.86 -1.00 -1.56
N SER A 114 -2.78 -1.76 -1.00
N SER A 114 -2.81 -1.79 -1.10
CA SER A 114 -2.52 -3.14 -0.63
CA SER A 114 -2.50 -3.15 -0.68
C SER A 114 -3.68 -4.06 -1.02
C SER A 114 -3.68 -4.08 -0.84
N GLU A 115 -3.32 -5.34 -1.11
CA GLU A 115 -4.27 -6.44 -1.18
C GLU A 115 -3.91 -7.31 -0.01
N ILE A 116 -4.85 -7.48 0.90
CA ILE A 116 -4.64 -8.27 2.14
C ILE A 116 -5.43 -9.55 2.01
N GLY A 117 -4.75 -10.69 2.10
CA GLY A 117 -5.41 -12.00 1.97
C GLY A 117 -5.75 -12.53 3.35
N GLN A 118 -5.44 -13.81 3.51
CA GLN A 118 -5.76 -14.51 4.73
C GLN A 118 -4.61 -14.56 5.71
N PHE A 119 -4.99 -14.61 6.98
CA PHE A 119 -4.06 -14.87 8.05
C PHE A 119 -3.64 -16.36 7.87
N LEU A 120 -2.35 -16.60 8.03
CA LEU A 120 -1.77 -17.90 7.81
C LEU A 120 -1.28 -18.49 9.14
N PRO A 121 -1.98 -19.47 9.66
CA PRO A 121 -1.61 -20.03 10.95
C PRO A 121 -0.39 -20.91 10.85
N SER A 122 0.28 -21.03 11.99
CA SER A 122 1.51 -21.84 12.12
C SER A 122 1.63 -22.32 13.54
N ASN A 123 2.37 -23.43 13.69
CA ASN A 123 2.76 -23.88 15.00
C ASN A 123 4.08 -23.30 15.43
N SER A 124 4.59 -22.35 14.65
CA SER A 124 5.74 -21.55 15.04
C SER A 124 5.32 -20.08 15.19
N PRO A 125 5.51 -19.51 16.40
CA PRO A 125 4.83 -18.24 16.63
C PRO A 125 5.38 -17.11 15.77
N LEU A 126 6.63 -17.19 15.34
CA LEU A 126 7.13 -16.07 14.55
C LEU A 126 6.87 -16.23 13.06
N GLU A 127 6.22 -17.35 12.70
CA GLU A 127 5.90 -17.65 11.29
C GLU A 127 4.44 -17.33 10.99
N LEU A 128 3.70 -17.01 12.05
CA LEU A 128 2.33 -16.47 11.94
C LEU A 128 2.44 -15.29 10.98
N SER A 129 1.62 -15.30 9.96
N SER A 129 1.56 -15.29 9.99
CA SER A 129 1.63 -14.18 9.03
CA SER A 129 1.70 -14.42 8.84
C SER A 129 0.28 -13.89 8.43
C SER A 129 0.34 -14.03 8.28
N VAL A 130 0.32 -13.00 7.45
CA VAL A 130 -0.91 -12.54 6.79
C VAL A 130 -0.46 -12.33 5.35
N GLN A 131 -1.21 -12.89 4.40
CA GLN A 131 -0.88 -12.75 2.96
C GLN A 131 -1.07 -11.27 2.60
N TYR A 132 -0.12 -10.68 1.88
CA TYR A 132 -0.27 -9.27 1.48
C TYR A 132 0.53 -8.96 0.23
N ARG A 133 -0.01 -7.97 -0.46
CA ARG A 133 0.70 -7.26 -1.52
C ARG A 133 0.57 -5.79 -1.17
N SER A 134 1.68 -5.05 -1.26
CA SER A 134 1.63 -3.63 -0.83
C SER A 134 2.62 -2.77 -1.57
N VAL A 135 2.12 -1.63 -2.02
CA VAL A 135 2.96 -0.61 -2.73
C VAL A 135 2.94 0.68 -1.94
N MET A 136 4.12 1.30 -1.73
CA MET A 136 4.28 2.68 -1.26
C MET A 136 4.73 3.52 -2.48
N VAL A 137 4.04 4.62 -2.64
CA VAL A 137 4.34 5.59 -3.71
C VAL A 137 4.75 6.86 -2.99
N PHE A 138 5.89 7.43 -3.39
CA PHE A 138 6.35 8.69 -2.86
C PHE A 138 6.35 9.72 -3.96
N GLY A 139 5.79 10.87 -3.63
CA GLY A 139 5.76 12.00 -4.58
C GLY A 139 5.29 13.30 -3.96
N THR A 140 4.84 14.19 -4.82
CA THR A 140 4.37 15.52 -4.42
C THR A 140 2.93 15.68 -4.91
N ALA A 141 2.04 15.99 -3.98
CA ALA A 141 0.63 16.21 -4.33
C ALA A 141 0.35 17.71 -4.45
N ARG A 142 -0.47 18.03 -5.43
CA ARG A 142 -0.90 19.41 -5.62
C ARG A 142 -2.37 19.45 -5.89
N VAL A 143 -3.02 20.48 -5.38
CA VAL A 143 -4.46 20.64 -5.65
C VAL A 143 -4.68 21.08 -7.10
N LEU A 144 -5.71 20.51 -7.72
CA LEU A 144 -6.06 20.82 -9.12
C LEU A 144 -7.19 21.82 -9.12
N ALA A 145 -7.29 22.52 -10.25
CA ALA A 145 -8.36 23.50 -10.45
C ALA A 145 -9.05 23.34 -11.80
N GLY A 146 -10.24 23.88 -11.89
CA GLY A 146 -10.89 23.98 -13.20
C GLY A 146 -10.98 22.68 -13.97
N GLU A 147 -10.66 22.75 -15.27
CA GLU A 147 -10.83 21.56 -16.13
C GLU A 147 -9.89 20.43 -15.70
N ASP A 148 -8.79 20.81 -15.05
CA ASP A 148 -7.84 19.77 -14.58
C ASP A 148 -8.54 18.95 -13.50
N ALA A 149 -9.16 19.67 -12.55
CA ALA A 149 -9.91 19.02 -11.43
C ALA A 149 -11.09 18.21 -11.97
N ARG A 150 -11.86 18.81 -12.87
CA ARG A 150 -13.00 18.09 -13.45
C ARG A 150 -12.57 16.78 -14.15
N ALA A 151 -11.48 16.82 -14.94
CA ALA A 151 -11.02 15.62 -15.62
C ALA A 151 -10.52 14.56 -14.65
N ALA A 152 -9.80 15.00 -13.63
CA ALA A 152 -9.25 14.06 -12.63
C ALA A 152 -10.43 13.40 -11.88
N LEU A 153 -11.42 14.21 -11.48
CA LEU A 153 -12.61 13.68 -10.74
C LEU A 153 -13.38 12.73 -11.64
N THR A 154 -13.45 13.05 -12.92
CA THR A 154 -14.16 12.14 -13.85
C THR A 154 -13.43 10.82 -13.92
N THR A 155 -12.12 10.86 -14.14
CA THR A 155 -11.34 9.64 -14.28
C THR A 155 -11.50 8.78 -13.03
N LEU A 156 -11.41 9.46 -11.89
CA LEU A 156 -11.53 8.84 -10.58
C LEU A 156 -12.86 8.12 -10.48
N SER A 157 -13.93 8.89 -10.69
CA SER A 157 -15.30 8.36 -10.53
C SER A 157 -15.56 7.16 -11.46
N GLU A 158 -15.13 7.30 -12.73
CA GLU A 158 -15.37 6.28 -13.75
C GLU A 158 -14.54 5.03 -13.53
N ARG A 159 -13.42 5.21 -12.84
CA ARG A 159 -12.49 4.10 -12.54
C ARG A 159 -13.07 3.21 -11.41
N VAL A 160 -13.55 3.87 -10.38
CA VAL A 160 -13.98 3.16 -9.18
C VAL A 160 -15.44 2.72 -9.22
N PHE A 161 -16.19 3.25 -10.20
CA PHE A 161 -17.55 2.79 -10.58
C PHE A 161 -17.57 2.31 -12.04
N PRO A 162 -17.03 1.11 -12.32
CA PRO A 162 -16.96 0.68 -13.69
C PRO A 162 -18.28 0.67 -14.37
N GLY A 163 -18.31 1.32 -15.52
CA GLY A 163 -19.50 1.48 -16.33
C GLY A 163 -20.23 2.79 -16.14
N LEU A 164 -19.91 3.51 -15.06
CA LEU A 164 -20.57 4.80 -14.80
C LEU A 164 -19.93 5.80 -15.74
N LYS A 165 -20.76 6.69 -16.28
CA LYS A 165 -20.25 7.77 -17.17
C LYS A 165 -20.79 9.08 -16.68
N VAL A 166 -19.87 9.97 -16.32
CA VAL A 166 -20.19 11.28 -15.86
C VAL A 166 -20.80 12.00 -17.05
N GLY A 167 -21.97 12.57 -16.80
CA GLY A 167 -22.68 13.31 -17.83
C GLY A 167 -23.77 12.52 -18.50
N GLU A 168 -23.78 11.24 -18.22
CA GLU A 168 -24.86 10.32 -18.65
C GLU A 168 -25.53 9.65 -17.43
N THR A 169 -24.76 8.77 -16.80
CA THR A 169 -25.18 8.11 -15.57
C THR A 169 -25.44 9.17 -14.52
N THR A 170 -24.53 10.15 -14.46
CA THR A 170 -24.64 11.25 -13.48
C THR A 170 -24.77 12.56 -14.24
N ARG A 171 -25.33 13.54 -13.59
CA ARG A 171 -25.24 14.89 -14.11
C ARG A 171 -23.75 15.29 -14.26
N PRO A 172 -23.50 16.27 -15.13
CA PRO A 172 -22.11 16.74 -15.22
C PRO A 172 -21.62 17.40 -13.92
N ILE A 173 -20.29 17.40 -13.80
CA ILE A 173 -19.58 18.05 -12.68
C ILE A 173 -19.64 19.56 -12.91
N SER A 174 -20.35 20.26 -12.02
CA SER A 174 -20.52 21.74 -12.11
C SER A 174 -19.41 22.52 -11.47
N GLU A 175 -19.44 23.83 -11.72
CA GLU A 175 -18.45 24.70 -11.09
C GLU A 175 -18.65 24.71 -9.61
N ASP A 176 -19.90 24.61 -9.18
CA ASP A 176 -20.17 24.57 -7.71
C ASP A 176 -19.49 23.31 -7.12
N ASP A 177 -19.56 22.20 -7.85
CA ASP A 177 -19.02 20.94 -7.36
C ASP A 177 -17.54 21.16 -7.10
N LEU A 178 -16.91 21.80 -8.07
CA LEU A 178 -15.46 22.00 -8.04
C LEU A 178 -15.09 22.88 -6.86
N LYS A 179 -15.95 23.83 -6.55
CA LYS A 179 -15.59 24.84 -5.54
C LYS A 179 -15.62 24.23 -4.16
N ARG A 180 -16.35 23.13 -4.07
CA ARG A 180 -16.67 22.45 -2.80
C ARG A 180 -15.78 21.24 -2.55
N THR A 181 -14.91 20.98 -3.52
CA THR A 181 -14.13 19.76 -3.55
C THR A 181 -12.65 20.04 -3.73
N SER A 182 -11.85 19.31 -2.97
CA SER A 182 -10.43 19.31 -3.15
C SER A 182 -9.96 18.04 -3.87
N VAL A 183 -9.46 18.22 -5.09
CA VAL A 183 -8.99 17.13 -5.97
C VAL A 183 -7.50 17.32 -6.18
N TYR A 184 -6.74 16.25 -5.90
CA TYR A 184 -5.27 16.25 -5.96
C TYR A 184 -4.74 15.31 -7.04
N SER A 185 -3.56 15.71 -7.51
CA SER A 185 -2.68 14.92 -8.32
C SER A 185 -1.42 14.71 -7.52
N LEU A 186 -1.13 13.44 -7.25
CA LEU A 186 0.15 13.03 -6.66
C LEU A 186 1.08 12.57 -7.77
N SER A 187 2.03 13.44 -8.05
N SER A 187 2.03 13.44 -8.06
CA SER A 187 3.03 13.18 -9.08
CA SER A 187 3.04 13.18 -9.10
C SER A 187 4.09 12.25 -8.50
C SER A 187 4.10 12.26 -8.51
N ILE A 188 4.28 11.13 -9.18
CA ILE A 188 5.13 10.08 -8.67
C ILE A 188 6.61 10.36 -8.88
N ASP A 189 7.35 10.22 -7.78
CA ASP A 189 8.79 10.28 -7.79
C ASP A 189 9.40 8.87 -7.81
N ARG A 190 8.95 8.04 -6.86
CA ARG A 190 9.51 6.69 -6.62
C ARG A 190 8.43 5.83 -6.04
N TRP A 191 8.67 4.54 -6.11
CA TRP A 191 7.74 3.63 -5.50
C TRP A 191 8.46 2.36 -5.09
N SER A 192 7.76 1.59 -4.27
N SER A 192 7.74 1.66 -4.24
CA SER A 192 8.35 0.43 -3.55
CA SER A 192 8.17 0.41 -3.68
C SER A 192 7.25 -0.60 -3.30
C SER A 192 7.04 -0.59 -3.78
N GLY A 193 7.42 -1.84 -3.83
CA GLY A 193 6.40 -2.87 -3.79
C GLY A 193 6.89 -4.14 -3.14
N LYS A 194 5.97 -4.80 -2.44
CA LYS A 194 6.27 -5.97 -1.66
C LYS A 194 5.14 -7.01 -1.79
N GLU A 195 5.52 -8.25 -1.93
CA GLU A 195 4.55 -9.33 -1.83
C GLU A 195 5.00 -10.47 -0.97
N ASN A 196 4.09 -10.93 -0.13
CA ASN A 196 4.30 -12.21 0.53
C ASN A 196 2.95 -12.89 0.60
N TRP A 197 2.72 -13.74 -0.39
CA TRP A 197 1.43 -14.38 -0.67
C TRP A 197 1.62 -15.88 -0.76
N ALA A 198 2.15 -16.42 0.32
CA ALA A 198 2.25 -17.88 0.47
C ALA A 198 0.88 -18.54 0.61
N GLU A 199 0.83 -19.82 0.23
CA GLU A 199 -0.35 -20.66 0.41
C GLU A 199 -0.43 -21.12 1.85
N GLN A 200 0.73 -21.18 2.49
CA GLN A 200 0.79 -21.71 3.86
C GLN A 200 2.00 -21.09 4.54
N ALA A 201 1.86 -20.75 5.82
CA ALA A 201 3.00 -20.30 6.63
C ALA A 201 3.99 -21.46 6.78
N ILE A 202 5.23 -21.10 7.08
CA ILE A 202 6.27 -22.03 7.46
C ILE A 202 5.83 -22.61 8.81
N GLN A 203 5.95 -23.91 8.92
CA GLN A 203 5.59 -24.70 10.12
C GLN A 203 6.85 -25.23 10.78
N GLU A 204 6.74 -25.58 12.02
CA GLU A 204 7.86 -26.21 12.74
C GLU A 204 7.60 -27.70 12.82
N GLU A 205 8.49 -28.52 12.23
CA GLU A 205 8.26 -29.95 12.21
C GLU A 205 8.31 -30.58 13.59
N ASP A 206 9.09 -29.96 14.45
CA ASP A 206 9.43 -30.51 15.79
C ASP A 206 8.50 -30.08 16.96
N TRP A 207 7.36 -29.53 16.56
CA TRP A 207 6.26 -29.21 17.49
C TRP A 207 4.98 -29.84 16.91
N PRO A 208 4.05 -30.29 17.73
CA PRO A 208 2.83 -30.87 17.16
C PRO A 208 2.21 -30.02 16.05
N ALA A 209 1.85 -30.70 14.97
CA ALA A 209 1.30 -30.04 13.79
C ALA A 209 -0.03 -29.39 14.14
N LEU A 210 -0.36 -28.34 13.42
CA LEU A 210 -1.68 -27.74 13.56
C LEU A 210 -2.72 -28.78 13.20
N GLY A 211 -3.78 -28.76 13.99
CA GLY A 211 -4.98 -29.56 13.76
C GLY A 211 -5.75 -29.16 12.51
N PRO A 212 -6.68 -30.04 12.09
CA PRO A 212 -7.56 -29.88 10.93
C PRO A 212 -8.35 -28.56 10.97
N GLU A 213 -8.58 -28.10 12.18
CA GLU A 213 -9.35 -26.88 12.39
C GLU A 213 -8.66 -25.66 11.78
N TRP A 214 -7.33 -25.72 11.64
CA TRP A 214 -6.56 -24.55 11.22
C TRP A 214 -6.38 -24.46 9.73
N LEU A 215 -6.06 -25.59 9.13
CA LEU A 215 -5.64 -25.57 7.71
C LEU A 215 -6.66 -26.22 6.78
N GLY A 216 -7.62 -26.90 7.40
CA GLY A 216 -8.70 -27.64 6.69
C GLY A 216 -9.93 -26.87 6.19
#